data_5FV1
#
_entry.id   5FV1
#
_cell.length_a   61.221
_cell.length_b   147.128
_cell.length_c   175.171
_cell.angle_alpha   90.00
_cell.angle_beta   90.00
_cell.angle_gamma   90.00
#
_symmetry.space_group_name_H-M   'I 2 2 2'
#
loop_
_entity.id
_entity.type
_entity.pdbx_description
1 polymer 'VK DOMAIN ANTIBODY'
2 polymer 'VASCULAR ENDOTHELIAL GROWTH FACTOR A'
3 water water
#
loop_
_entity_poly.entity_id
_entity_poly.type
_entity_poly.pdbx_seq_one_letter_code
_entity_poly.pdbx_strand_id
1 'polypeptide(L)'
;DIQMTQSPSSLSASVGDRVTITCRASQWIGPELKWYQQKPGKAPKLLIYHGSILQSGVPSRFSGSGSGTDFTLTISSLQP
EDFATYYCQQYMYYPHTFGQGTKVEIKR
;
L,M
2 'polypeptide(L)'
;APMAEGGGQNHHEVVKFMDVYQRSYCHPIETLVDIFQEYPDEIEYIFKPSCVPLMRCGGCCNDEGLECVPTEESNITMQI
MRIKPHQGQHIGEMSFLQHNKCECRPKKDRHHHHHH
;
V,W
#
# COMPACT_ATOMS: atom_id res chain seq x y z
N ASP A 1 -30.73 -3.61 19.11
CA ASP A 1 -31.00 -4.36 17.84
C ASP A 1 -31.09 -3.40 16.67
N ILE A 2 -30.56 -3.82 15.52
CA ILE A 2 -30.67 -3.04 14.29
C ILE A 2 -32.06 -3.23 13.71
N GLN A 3 -32.74 -2.14 13.39
CA GLN A 3 -34.08 -2.20 12.80
C GLN A 3 -33.98 -2.12 11.28
N MET A 4 -34.63 -3.05 10.58
CA MET A 4 -34.67 -3.06 9.11
C MET A 4 -36.06 -2.66 8.62
N THR A 5 -36.13 -1.55 7.89
CA THR A 5 -37.38 -1.01 7.37
C THR A 5 -37.53 -1.41 5.92
N GLN A 6 -38.35 -2.41 5.66
CA GLN A 6 -38.56 -2.82 4.30
C GLN A 6 -39.73 -2.07 3.67
N SER A 7 -39.71 -1.92 2.37
CA SER A 7 -40.79 -1.23 1.67
C SER A 7 -40.76 -1.58 0.18
N PRO A 8 -41.92 -1.69 -0.46
CA PRO A 8 -43.22 -1.53 0.17
C PRO A 8 -43.72 -2.80 0.87
N SER A 9 -44.88 -2.70 1.51
CA SER A 9 -45.46 -3.85 2.22
C SER A 9 -45.94 -4.87 1.23
N SER A 10 -46.47 -4.37 0.12
CA SER A 10 -47.22 -5.18 -0.81
C SER A 10 -47.17 -4.55 -2.21
N LEU A 11 -46.98 -5.37 -3.23
CA LEU A 11 -47.02 -4.94 -4.63
C LEU A 11 -47.95 -5.83 -5.41
N SER A 12 -48.57 -5.24 -6.41
CA SER A 12 -49.24 -5.98 -7.48
C SER A 12 -48.46 -5.78 -8.76
N ALA A 13 -48.16 -6.86 -9.47
CA ALA A 13 -47.45 -6.77 -10.74
C ALA A 13 -47.86 -7.88 -11.70
N SER A 14 -47.49 -7.70 -12.97
CA SER A 14 -47.80 -8.65 -14.03
C SER A 14 -46.52 -9.36 -14.45
N VAL A 15 -46.64 -10.56 -14.99
CA VAL A 15 -45.47 -11.32 -15.43
C VAL A 15 -44.73 -10.50 -16.46
N GLY A 16 -43.43 -10.35 -16.31
CA GLY A 16 -42.63 -9.56 -17.25
C GLY A 16 -42.23 -8.21 -16.71
N ASP A 17 -43.02 -7.68 -15.79
CA ASP A 17 -42.74 -6.41 -15.12
C ASP A 17 -41.40 -6.40 -14.37
N ARG A 18 -40.92 -5.18 -14.10
CA ARG A 18 -39.73 -4.95 -13.29
C ARG A 18 -40.14 -4.57 -11.88
N VAL A 19 -39.62 -5.30 -10.89
CA VAL A 19 -39.97 -5.09 -9.49
C VAL A 19 -38.78 -4.59 -8.65
N THR A 20 -39.04 -3.58 -7.83
CA THR A 20 -37.99 -2.94 -7.02
C THR A 20 -38.38 -2.82 -5.53
N ILE A 21 -37.67 -3.55 -4.69
CA ILE A 21 -37.92 -3.62 -3.26
C ILE A 21 -36.76 -2.95 -2.56
N THR A 22 -37.05 -2.18 -1.52
CA THR A 22 -36.03 -1.49 -0.76
C THR A 22 -36.00 -1.92 0.69
N CYS A 23 -34.84 -1.81 1.31
CA CYS A 23 -34.61 -2.17 2.71
C CYS A 23 -33.65 -1.14 3.31
N ARG A 24 -34.06 -0.52 4.41
CA ARG A 24 -33.26 0.49 5.09
C ARG A 24 -32.84 -0.03 6.45
N ALA A 25 -31.56 0.12 6.77
CA ALA A 25 -31.06 -0.22 8.10
C ALA A 25 -30.95 1.03 8.96
N SER A 26 -31.37 0.89 10.22
CA SER A 26 -31.40 2.01 11.16
C SER A 26 -30.01 2.55 11.43
N GLN A 27 -29.02 1.68 11.22
CA GLN A 27 -27.63 1.98 11.48
C GLN A 27 -26.78 1.37 10.36
N TRP A 28 -25.58 1.87 10.19
CA TRP A 28 -24.66 1.35 9.18
C TRP A 28 -24.37 -0.13 9.39
N ILE A 29 -24.55 -0.94 8.34
CA ILE A 29 -24.22 -2.37 8.36
C ILE A 29 -23.30 -2.79 7.20
N GLY A 30 -22.68 -1.82 6.54
CA GLY A 30 -21.76 -2.13 5.44
C GLY A 30 -22.48 -2.84 4.31
N PRO A 31 -21.86 -3.89 3.76
CA PRO A 31 -22.51 -4.67 2.71
C PRO A 31 -23.15 -5.96 3.24
N GLU A 32 -23.22 -6.14 4.55
CA GLU A 32 -23.57 -7.44 5.11
C GLU A 32 -25.07 -7.59 5.25
N LEU A 33 -25.72 -7.75 4.10
CA LEU A 33 -27.17 -7.86 4.00
C LEU A 33 -27.53 -9.01 3.07
N LYS A 34 -28.46 -9.85 3.52
CA LYS A 34 -28.99 -10.93 2.72
C LYS A 34 -30.45 -10.69 2.32
N TRP A 35 -30.83 -11.18 1.14
CA TRP A 35 -32.23 -11.20 0.70
C TRP A 35 -32.74 -12.66 0.59
N TYR A 36 -33.93 -12.89 1.11
CA TYR A 36 -34.57 -14.19 1.07
C TYR A 36 -35.89 -14.17 0.30
N GLN A 37 -36.16 -15.25 -0.42
CA GLN A 37 -37.49 -15.49 -0.99
C GLN A 37 -38.24 -16.45 -0.10
N GLN A 38 -39.50 -16.14 0.19
CA GLN A 38 -40.35 -16.97 1.06
C GLN A 38 -41.70 -17.35 0.41
N LYS A 39 -41.89 -18.65 0.18
CA LYS A 39 -43.12 -19.22 -0.39
C LYS A 39 -43.85 -20.13 0.59
N PRO A 40 -45.16 -20.31 0.40
CA PRO A 40 -45.98 -21.08 1.35
C PRO A 40 -45.46 -22.51 1.58
N GLY A 41 -45.40 -22.92 2.85
CA GLY A 41 -45.00 -24.28 3.20
C GLY A 41 -43.52 -24.65 3.01
N LYS A 42 -42.68 -23.69 2.61
CA LYS A 42 -41.24 -23.94 2.46
C LYS A 42 -40.44 -23.11 3.46
N ALA A 43 -39.18 -23.49 3.62
CA ALA A 43 -38.21 -22.69 4.35
C ALA A 43 -37.72 -21.57 3.44
N PRO A 44 -37.34 -20.42 4.02
CA PRO A 44 -36.92 -19.32 3.18
C PRO A 44 -35.70 -19.68 2.35
N LYS A 45 -35.65 -19.22 1.10
CA LYS A 45 -34.55 -19.54 0.19
C LYS A 45 -33.61 -18.34 0.02
N LEU A 46 -32.34 -18.55 0.32
CA LEU A 46 -31.36 -17.48 0.18
C LEU A 46 -31.15 -17.15 -1.30
N LEU A 47 -31.48 -15.92 -1.68
CA LEU A 47 -31.24 -15.41 -3.03
C LEU A 47 -29.91 -14.64 -3.16
N ILE A 48 -29.67 -13.72 -2.23
CA ILE A 48 -28.53 -12.81 -2.34
C ILE A 48 -27.91 -12.59 -0.98
N TYR A 49 -26.59 -12.55 -0.94
CA TYR A 49 -25.87 -12.20 0.27
C TYR A 49 -24.77 -11.23 -0.05
N HIS A 50 -24.14 -10.71 0.99
CA HIS A 50 -23.10 -9.70 0.86
C HIS A 50 -23.60 -8.53 0.01
N GLY A 51 -24.90 -8.24 0.10
CA GLY A 51 -25.49 -7.10 -0.62
C GLY A 51 -25.89 -7.40 -2.05
N SER A 52 -24.94 -7.92 -2.83
CA SER A 52 -25.08 -8.01 -4.28
C SER A 52 -24.69 -9.34 -4.93
N ILE A 53 -24.20 -10.28 -4.15
CA ILE A 53 -23.68 -11.55 -4.68
C ILE A 53 -24.78 -12.60 -4.72
N LEU A 54 -25.11 -13.09 -5.92
CA LEU A 54 -26.15 -14.10 -6.07
C LEU A 54 -25.71 -15.42 -5.50
N GLN A 55 -26.63 -16.07 -4.80
CA GLN A 55 -26.41 -17.43 -4.33
C GLN A 55 -26.32 -18.36 -5.54
N SER A 56 -25.63 -19.48 -5.35
CA SER A 56 -25.46 -20.48 -6.40
C SER A 56 -26.81 -21.09 -6.80
N GLY A 57 -27.12 -21.08 -8.09
CA GLY A 57 -28.36 -21.67 -8.61
C GLY A 57 -29.55 -20.72 -8.71
N VAL A 58 -29.30 -19.43 -8.56
CA VAL A 58 -30.35 -18.41 -8.55
C VAL A 58 -30.33 -17.70 -9.88
N PRO A 59 -31.50 -17.53 -10.51
CA PRO A 59 -31.56 -16.85 -11.82
C PRO A 59 -30.96 -15.46 -11.80
N SER A 60 -30.40 -15.05 -12.93
CA SER A 60 -29.74 -13.75 -13.03
C SER A 60 -30.70 -12.56 -13.13
N ARG A 61 -32.01 -12.81 -13.26
CA ARG A 61 -32.96 -11.71 -13.24
C ARG A 61 -33.08 -11.07 -11.86
N PHE A 62 -32.59 -11.77 -10.83
CA PHE A 62 -32.48 -11.22 -9.48
C PHE A 62 -31.17 -10.45 -9.35
N SER A 63 -31.25 -9.17 -8.99
CA SER A 63 -30.07 -8.43 -8.56
C SER A 63 -30.27 -7.65 -7.25
N GLY A 64 -29.16 -7.36 -6.58
CA GLY A 64 -29.17 -6.60 -5.34
C GLY A 64 -28.09 -5.54 -5.35
N SER A 65 -28.43 -4.36 -4.85
CA SER A 65 -27.46 -3.30 -4.73
C SER A 65 -27.58 -2.54 -3.42
N GLY A 66 -26.53 -1.75 -3.16
CA GLY A 66 -26.46 -0.85 -2.02
C GLY A 66 -25.39 -1.24 -1.02
N SER A 67 -25.02 -0.27 -0.19
CA SER A 67 -24.06 -0.53 0.88
C SER A 67 -24.22 0.52 1.99
N GLY A 68 -24.21 0.06 3.24
CA GLY A 68 -24.26 0.95 4.40
C GLY A 68 -25.60 0.97 5.08
N THR A 69 -26.50 1.85 4.63
CA THR A 69 -27.86 1.91 5.17
C THR A 69 -28.99 1.61 4.20
N ASP A 70 -28.85 1.92 2.92
CA ASP A 70 -29.96 1.76 1.94
C ASP A 70 -29.68 0.67 0.90
N PHE A 71 -30.60 -0.29 0.79
CA PHE A 71 -30.42 -1.44 -0.09
C PHE A 71 -31.59 -1.64 -1.02
N THR A 72 -31.36 -2.41 -2.08
CA THR A 72 -32.37 -2.62 -3.10
C THR A 72 -32.29 -4.07 -3.62
N LEU A 73 -33.45 -4.70 -3.80
CA LEU A 73 -33.55 -5.94 -4.56
C LEU A 73 -34.31 -5.63 -5.82
N THR A 74 -33.81 -6.08 -6.96
CA THR A 74 -34.48 -5.91 -8.24
C THR A 74 -34.74 -7.24 -8.90
N ILE A 75 -35.93 -7.40 -9.48
CA ILE A 75 -36.24 -8.53 -10.36
C ILE A 75 -36.51 -7.92 -11.74
N SER A 76 -35.61 -8.17 -12.67
CA SER A 76 -35.64 -7.48 -13.97
C SER A 76 -36.88 -7.81 -14.76
N SER A 77 -37.27 -9.10 -14.72
CA SER A 77 -38.46 -9.56 -15.42
C SER A 77 -39.14 -10.66 -14.63
N LEU A 78 -40.29 -10.34 -14.07
CA LEU A 78 -41.02 -11.22 -13.17
C LEU A 78 -41.55 -12.44 -13.91
N GLN A 79 -41.36 -13.62 -13.33
CA GLN A 79 -41.87 -14.87 -13.87
C GLN A 79 -42.91 -15.44 -12.91
N PRO A 80 -43.75 -16.38 -13.38
CA PRO A 80 -44.85 -16.85 -12.52
C PRO A 80 -44.39 -17.38 -11.17
N GLU A 81 -43.27 -18.10 -11.15
CA GLU A 81 -42.73 -18.68 -9.93
C GLU A 81 -42.08 -17.66 -8.99
N ASP A 82 -42.09 -16.37 -9.34
CA ASP A 82 -41.46 -15.34 -8.53
C ASP A 82 -42.42 -14.65 -7.59
N PHE A 83 -43.72 -14.91 -7.74
CA PHE A 83 -44.70 -14.34 -6.81
C PHE A 83 -44.56 -15.00 -5.45
N ALA A 84 -44.21 -14.18 -4.45
CA ALA A 84 -43.83 -14.65 -3.12
C ALA A 84 -43.60 -13.45 -2.23
N THR A 85 -43.23 -13.69 -0.98
CA THR A 85 -42.81 -12.62 -0.10
C THR A 85 -41.31 -12.61 -0.04
N TYR A 86 -40.71 -11.42 -0.10
CA TYR A 86 -39.25 -11.24 -0.05
C TYR A 86 -38.85 -10.49 1.22
N TYR A 87 -37.77 -10.93 1.87
CA TYR A 87 -37.28 -10.35 3.16
C TYR A 87 -35.82 -9.95 3.08
N CYS A 88 -35.41 -8.88 3.74
CA CYS A 88 -33.98 -8.62 3.99
C CYS A 88 -33.55 -9.08 5.37
N GLN A 89 -32.26 -9.35 5.53
CA GLN A 89 -31.68 -9.68 6.81
C GLN A 89 -30.27 -9.11 6.94
N GLN A 90 -29.99 -8.32 7.97
CA GLN A 90 -28.61 -7.88 8.23
C GLN A 90 -27.88 -8.94 9.03
N TYR A 91 -26.62 -9.20 8.70
CA TYR A 91 -25.80 -10.14 9.50
C TYR A 91 -24.48 -9.53 10.02
N MET A 92 -24.42 -8.20 10.06
CA MET A 92 -23.28 -7.46 10.60
C MET A 92 -23.17 -7.65 12.12
N TYR A 93 -24.27 -7.40 12.84
CA TYR A 93 -24.34 -7.56 14.30
C TYR A 93 -25.34 -8.63 14.72
N TYR A 94 -24.99 -9.44 15.71
CA TYR A 94 -25.96 -10.26 16.44
C TYR A 94 -26.81 -9.35 17.33
N PRO A 95 -28.12 -9.62 17.47
CA PRO A 95 -28.82 -10.66 16.74
C PRO A 95 -29.09 -10.24 15.29
N HIS A 96 -28.99 -11.20 14.37
CA HIS A 96 -29.34 -10.95 12.97
C HIS A 96 -30.79 -10.59 12.88
N THR A 97 -31.13 -9.49 12.18
CA THR A 97 -32.50 -9.00 12.16
C THR A 97 -33.07 -8.91 10.76
N PHE A 98 -34.40 -9.04 10.68
CA PHE A 98 -35.15 -9.14 9.42
C PHE A 98 -35.98 -7.92 9.11
N GLY A 99 -36.24 -7.68 7.84
CA GLY A 99 -37.30 -6.75 7.45
C GLY A 99 -38.67 -7.41 7.61
N GLN A 100 -39.71 -6.60 7.61
CA GLN A 100 -41.09 -7.09 7.73
C GLN A 100 -41.56 -7.78 6.43
N GLY A 101 -40.81 -7.63 5.34
CA GLY A 101 -41.10 -8.37 4.12
C GLY A 101 -41.93 -7.59 3.11
N THR A 102 -41.76 -7.92 1.84
CA THR A 102 -42.59 -7.35 0.79
C THR A 102 -43.37 -8.46 0.14
N LYS A 103 -44.68 -8.34 0.07
CA LYS A 103 -45.50 -9.35 -0.58
C LYS A 103 -45.73 -8.99 -2.05
N VAL A 104 -45.26 -9.85 -2.96
CA VAL A 104 -45.34 -9.58 -4.40
C VAL A 104 -46.50 -10.40 -4.98
N GLU A 105 -47.58 -9.72 -5.33
CA GLU A 105 -48.83 -10.37 -5.73
C GLU A 105 -49.14 -10.24 -7.21
N ILE A 106 -49.95 -11.14 -7.72
CA ILE A 106 -50.41 -11.06 -9.10
C ILE A 106 -51.47 -9.96 -9.21
N LYS A 107 -51.39 -9.16 -10.26
CA LYS A 107 -52.40 -8.15 -10.54
C LYS A 107 -53.68 -8.81 -10.99
N ARG A 108 -54.82 -8.36 -10.48
CA ARG A 108 -56.14 -8.82 -10.94
C ARG A 108 -56.90 -7.67 -11.59
N ASP B 1 25.40 14.44 -19.30
CA ASP B 1 26.34 14.33 -18.15
C ASP B 1 25.91 15.26 -17.03
N ILE B 2 26.06 14.80 -15.79
CA ILE B 2 25.77 15.61 -14.61
C ILE B 2 27.03 16.38 -14.21
N GLN B 3 26.89 17.68 -13.99
CA GLN B 3 27.98 18.47 -13.44
C GLN B 3 27.88 18.54 -11.94
N MET B 4 28.96 18.13 -11.28
CA MET B 4 29.09 18.25 -9.83
C MET B 4 29.96 19.45 -9.47
N THR B 5 29.37 20.37 -8.71
CA THR B 5 30.03 21.58 -8.26
C THR B 5 30.29 21.50 -6.76
N GLN B 6 31.57 21.40 -6.41
CA GLN B 6 32.03 21.25 -5.04
C GLN B 6 32.62 22.56 -4.51
N SER B 7 32.36 22.86 -3.24
CA SER B 7 32.87 24.06 -2.57
C SER B 7 33.04 23.72 -1.11
N PRO B 8 33.99 24.33 -0.43
CA PRO B 8 34.95 25.23 -1.01
C PRO B 8 36.04 24.49 -1.75
N SER B 9 36.87 25.24 -2.45
CA SER B 9 37.96 24.69 -3.24
C SER B 9 39.07 24.16 -2.33
N SER B 10 39.51 24.99 -1.40
CA SER B 10 40.37 24.56 -0.29
C SER B 10 39.94 25.25 1.00
N LEU B 11 40.43 24.76 2.12
CA LEU B 11 40.16 25.41 3.41
C LEU B 11 41.19 25.04 4.45
N SER B 12 41.44 25.95 5.39
CA SER B 12 42.40 25.73 6.48
C SER B 12 41.69 25.60 7.81
N ALA B 13 41.99 24.52 8.52
CA ALA B 13 41.39 24.33 9.81
C ALA B 13 42.36 23.73 10.83
N SER B 14 41.98 23.85 12.10
CA SER B 14 42.76 23.38 13.22
C SER B 14 42.15 22.08 13.69
N VAL B 15 42.97 21.26 14.33
CA VAL B 15 42.50 20.04 14.97
C VAL B 15 41.38 20.41 15.94
N GLY B 16 40.36 19.56 16.04
CA GLY B 16 39.20 19.84 16.87
C GLY B 16 38.08 20.64 16.22
N ASP B 17 38.37 21.36 15.13
CA ASP B 17 37.37 22.17 14.42
C ASP B 17 36.36 21.32 13.66
N ARG B 18 35.14 21.83 13.53
CA ARG B 18 34.11 21.26 12.65
C ARG B 18 34.30 21.75 11.22
N VAL B 19 34.22 20.84 10.26
CA VAL B 19 34.49 21.16 8.88
C VAL B 19 33.30 20.79 8.01
N THR B 20 32.89 21.70 7.11
CA THR B 20 31.71 21.48 6.26
C THR B 20 32.02 21.70 4.77
N ILE B 21 31.62 20.73 3.95
CA ILE B 21 31.95 20.71 2.53
C ILE B 21 30.66 20.42 1.79
N THR B 22 30.44 21.07 0.65
CA THR B 22 29.17 20.96 -0.06
C THR B 22 29.39 20.52 -1.51
N CYS B 23 28.43 19.77 -2.06
CA CYS B 23 28.33 19.47 -3.48
C CYS B 23 26.94 19.84 -3.95
N ARG B 24 26.86 20.43 -5.14
CA ARG B 24 25.60 20.64 -5.84
C ARG B 24 25.65 19.86 -7.14
N ALA B 25 24.56 19.18 -7.46
CA ALA B 25 24.41 18.50 -8.73
C ALA B 25 23.62 19.40 -9.65
N SER B 26 23.93 19.34 -10.94
CA SER B 26 23.28 20.20 -11.96
C SER B 26 21.81 19.83 -12.19
N GLN B 27 21.48 18.57 -11.93
CA GLN B 27 20.07 18.15 -11.87
C GLN B 27 19.90 17.01 -10.86
N TRP B 28 18.66 16.67 -10.56
CA TRP B 28 18.32 15.65 -9.56
C TRP B 28 19.12 14.35 -9.73
N ILE B 29 19.77 13.93 -8.65
CA ILE B 29 20.47 12.63 -8.59
C ILE B 29 20.02 11.75 -7.42
N GLY B 30 18.96 12.15 -6.74
CA GLY B 30 18.37 11.30 -5.73
C GLY B 30 19.29 11.31 -4.56
N PRO B 31 19.44 10.16 -3.89
CA PRO B 31 20.40 10.04 -2.80
C PRO B 31 21.74 9.47 -3.25
N GLU B 32 21.93 9.23 -4.54
CA GLU B 32 23.05 8.41 -4.99
C GLU B 32 24.31 9.23 -5.22
N LEU B 33 24.97 9.56 -4.11
CA LEU B 33 26.19 10.32 -4.10
C LEU B 33 27.15 9.70 -3.10
N LYS B 34 28.42 9.53 -3.51
CA LYS B 34 29.48 9.05 -2.65
C LYS B 34 30.44 10.17 -2.29
N TRP B 35 31.11 10.04 -1.15
CA TRP B 35 32.20 10.93 -0.75
C TRP B 35 33.51 10.12 -0.57
N TYR B 36 34.59 10.57 -1.21
CA TYR B 36 35.91 9.92 -1.11
C TYR B 36 36.93 10.81 -0.42
N GLN B 37 37.78 10.21 0.41
CA GLN B 37 38.99 10.84 0.93
C GLN B 37 40.20 10.39 0.10
N GLN B 38 40.95 11.33 -0.47
CA GLN B 38 42.17 11.01 -1.21
C GLN B 38 43.40 11.71 -0.68
N LYS B 39 44.35 10.94 -0.12
CA LYS B 39 45.67 11.48 0.27
C LYS B 39 46.69 11.34 -0.87
N PRO B 40 47.73 12.19 -0.87
CA PRO B 40 48.72 12.17 -1.97
C PRO B 40 49.33 10.79 -2.25
N GLY B 41 49.30 10.38 -3.52
CA GLY B 41 49.84 9.09 -3.93
C GLY B 41 49.30 7.93 -3.12
N LYS B 42 47.98 7.77 -3.14
CA LYS B 42 47.30 6.64 -2.48
C LYS B 42 45.98 6.34 -3.18
N ALA B 43 45.31 5.29 -2.73
CA ALA B 43 43.98 4.95 -3.25
C ALA B 43 42.93 5.82 -2.57
N PRO B 44 41.97 6.36 -3.36
CA PRO B 44 40.82 7.03 -2.74
C PRO B 44 40.06 6.07 -1.85
N LYS B 45 39.69 6.51 -0.64
CA LYS B 45 38.91 5.70 0.30
C LYS B 45 37.45 6.15 0.32
N LEU B 46 36.53 5.21 0.11
CA LEU B 46 35.10 5.51 0.20
C LEU B 46 34.69 5.73 1.66
N LEU B 47 34.13 6.91 1.93
CA LEU B 47 33.70 7.31 3.27
C LEU B 47 32.21 7.13 3.47
N ILE B 48 31.44 7.64 2.52
CA ILE B 48 29.99 7.68 2.63
C ILE B 48 29.40 7.35 1.29
N TYR B 49 28.33 6.57 1.30
CA TYR B 49 27.57 6.30 0.08
C TYR B 49 26.10 6.53 0.36
N HIS B 50 25.29 6.55 -0.71
CA HIS B 50 23.86 6.79 -0.58
C HIS B 50 23.57 8.07 0.19
N GLY B 51 24.43 9.07 0.04
CA GLY B 51 24.22 10.37 0.67
C GLY B 51 24.64 10.48 2.12
N SER B 52 24.20 9.55 2.97
CA SER B 52 24.46 9.67 4.42
C SER B 52 24.91 8.40 5.15
N ILE B 53 25.17 7.32 4.41
CA ILE B 53 25.54 6.06 5.05
C ILE B 53 27.06 5.88 5.10
N LEU B 54 27.59 5.79 6.32
CA LEU B 54 29.01 5.49 6.55
C LEU B 54 29.35 4.09 6.03
N GLN B 55 30.42 4.02 5.23
CA GLN B 55 31.07 2.76 4.89
C GLN B 55 31.58 2.17 6.21
N SER B 56 31.72 0.85 6.27
CA SER B 56 32.19 0.21 7.51
C SER B 56 33.63 0.58 7.83
N GLY B 57 33.91 0.77 9.10
CA GLY B 57 35.26 1.11 9.56
C GLY B 57 35.63 2.58 9.44
N VAL B 58 34.68 3.42 9.05
CA VAL B 58 34.92 4.86 8.97
C VAL B 58 34.47 5.48 10.28
N PRO B 59 35.29 6.36 10.87
CA PRO B 59 34.94 6.89 12.19
C PRO B 59 33.63 7.67 12.16
N SER B 60 32.94 7.72 13.29
CA SER B 60 31.60 8.32 13.37
C SER B 60 31.58 9.84 13.14
N ARG B 61 32.70 10.51 13.38
CA ARG B 61 32.80 11.97 13.19
C ARG B 61 32.58 12.38 11.74
N PHE B 62 32.67 11.42 10.83
CA PHE B 62 32.25 11.64 9.44
C PHE B 62 30.74 11.42 9.33
N SER B 63 30.09 12.33 8.62
CA SER B 63 28.65 12.24 8.37
C SER B 63 28.31 12.93 7.06
N GLY B 64 27.19 12.55 6.49
CA GLY B 64 26.74 13.09 5.21
C GLY B 64 25.26 13.36 5.27
N SER B 65 24.79 14.20 4.36
CA SER B 65 23.36 14.52 4.29
C SER B 65 23.02 15.04 2.91
N GLY B 66 21.73 15.03 2.60
CA GLY B 66 21.22 15.57 1.36
C GLY B 66 20.57 14.53 0.48
N SER B 67 19.68 15.01 -0.39
CA SER B 67 19.09 14.21 -1.46
C SER B 67 18.62 15.17 -2.56
N GLY B 68 18.88 14.83 -3.81
CA GLY B 68 18.41 15.63 -4.93
C GLY B 68 19.53 16.37 -5.63
N THR B 69 19.69 17.65 -5.29
CA THR B 69 20.74 18.46 -5.90
C THR B 69 21.78 18.96 -4.89
N ASP B 70 21.46 19.03 -3.61
CA ASP B 70 22.35 19.65 -2.62
C ASP B 70 22.79 18.70 -1.49
N PHE B 71 24.10 18.50 -1.39
CA PHE B 71 24.66 17.58 -0.41
C PHE B 71 25.77 18.19 0.43
N THR B 72 26.04 17.55 1.56
CA THR B 72 26.98 18.07 2.53
C THR B 72 27.73 16.95 3.22
N LEU B 73 29.04 17.17 3.37
CA LEU B 73 29.89 16.31 4.18
C LEU B 73 30.42 17.14 5.34
N THR B 74 30.26 16.60 6.54
CA THR B 74 30.68 17.27 7.75
C THR B 74 31.65 16.37 8.51
N ILE B 75 32.71 16.96 9.04
CA ILE B 75 33.63 16.29 9.94
C ILE B 75 33.50 17.04 11.25
N SER B 76 32.96 16.35 12.26
CA SER B 76 32.52 17.00 13.48
C SER B 76 33.66 17.54 14.30
N SER B 77 34.74 16.76 14.39
CA SER B 77 35.93 17.14 15.16
C SER B 77 37.17 16.65 14.42
N LEU B 78 37.90 17.59 13.83
CA LEU B 78 38.95 17.26 12.87
C LEU B 78 40.16 16.62 13.53
N GLN B 79 40.74 15.62 12.87
CA GLN B 79 41.90 14.89 13.37
C GLN B 79 43.08 15.03 12.41
N PRO B 80 44.32 14.90 12.92
CA PRO B 80 45.49 15.11 12.06
C PRO B 80 45.49 14.21 10.82
N GLU B 81 44.98 13.00 10.96
CA GLU B 81 44.86 12.09 9.83
C GLU B 81 43.85 12.52 8.76
N ASP B 82 42.93 13.43 9.09
CA ASP B 82 41.84 13.85 8.19
C ASP B 82 42.22 14.93 7.19
N PHE B 83 43.41 15.50 7.32
CA PHE B 83 43.91 16.45 6.33
C PHE B 83 44.16 15.72 5.02
N ALA B 84 43.35 16.03 4.02
CA ALA B 84 43.38 15.36 2.73
C ALA B 84 42.59 16.17 1.72
N THR B 85 42.39 15.60 0.54
CA THR B 85 41.45 16.14 -0.43
C THR B 85 40.21 15.24 -0.43
N TYR B 86 39.02 15.87 -0.50
CA TYR B 86 37.75 15.14 -0.46
C TYR B 86 37.00 15.36 -1.78
N TYR B 87 36.45 14.28 -2.34
CA TYR B 87 35.75 14.30 -3.64
C TYR B 87 34.35 13.76 -3.47
N CYS B 88 33.38 14.37 -4.15
CA CYS B 88 32.07 13.77 -4.24
C CYS B 88 31.86 13.15 -5.62
N GLN B 89 31.18 12.01 -5.68
CA GLN B 89 30.84 11.35 -6.94
C GLN B 89 29.37 10.96 -6.96
N GLN B 90 28.71 11.18 -8.09
CA GLN B 90 27.31 10.77 -8.25
C GLN B 90 27.24 9.47 -9.05
N TYR B 91 26.35 8.56 -8.66
CA TYR B 91 26.23 7.28 -9.36
C TYR B 91 24.79 6.96 -9.78
N MET B 92 24.00 8.01 -10.00
CA MET B 92 22.65 7.90 -10.53
C MET B 92 22.73 7.64 -12.03
N TYR B 93 23.45 8.52 -12.74
CA TYR B 93 23.58 8.43 -14.20
C TYR B 93 25.02 8.11 -14.63
N TYR B 94 25.15 7.29 -15.68
CA TYR B 94 26.44 7.00 -16.31
C TYR B 94 26.70 8.05 -17.39
N PRO B 95 27.88 8.67 -17.42
CA PRO B 95 29.02 8.32 -16.59
C PRO B 95 28.98 8.94 -15.18
N HIS B 96 29.65 8.28 -14.25
CA HIS B 96 29.71 8.69 -12.86
C HIS B 96 30.62 9.90 -12.69
N THR B 97 30.04 11.09 -12.78
CA THR B 97 30.83 12.32 -12.68
C THR B 97 31.27 12.70 -11.26
N PHE B 98 32.36 13.46 -11.16
CA PHE B 98 32.95 13.88 -9.90
C PHE B 98 32.87 15.38 -9.71
N GLY B 99 33.14 15.83 -8.50
CA GLY B 99 33.33 17.24 -8.19
C GLY B 99 34.81 17.56 -8.23
N GLN B 100 35.12 18.86 -8.36
CA GLN B 100 36.50 19.35 -8.50
C GLN B 100 37.39 19.01 -7.32
N GLY B 101 36.78 18.68 -6.18
CA GLY B 101 37.51 18.31 -4.99
C GLY B 101 37.74 19.51 -4.09
N THR B 102 37.94 19.24 -2.81
CA THR B 102 38.21 20.28 -1.80
C THR B 102 39.39 19.84 -0.94
N LYS B 103 40.41 20.70 -0.86
CA LYS B 103 41.60 20.41 -0.09
C LYS B 103 41.48 20.95 1.32
N VAL B 104 41.54 20.06 2.31
CA VAL B 104 41.45 20.44 3.71
C VAL B 104 42.88 20.48 4.24
N GLU B 105 43.31 21.69 4.64
CA GLU B 105 44.70 21.99 4.98
C GLU B 105 44.90 22.38 6.43
N ILE B 106 46.13 22.23 6.90
CA ILE B 106 46.52 22.65 8.24
C ILE B 106 46.73 24.16 8.27
N LYS B 107 46.42 24.79 9.40
CA LYS B 107 46.46 26.25 9.52
C LYS B 107 47.88 26.83 9.43
N VAL C 14 -8.87 7.82 18.52
CA VAL C 14 -9.40 6.44 18.19
C VAL C 14 -10.18 6.45 16.89
N VAL C 15 -9.92 5.45 16.03
CA VAL C 15 -10.62 5.35 14.74
C VAL C 15 -11.89 4.52 14.92
N LYS C 16 -13.01 5.05 14.46
CA LYS C 16 -14.31 4.38 14.54
C LYS C 16 -14.36 3.13 13.66
N PHE C 17 -14.95 2.06 14.20
CA PHE C 17 -15.05 0.74 13.51
C PHE C 17 -15.53 0.79 12.05
N MET C 18 -16.50 1.66 11.84
CA MET C 18 -17.10 1.91 10.55
C MET C 18 -16.06 2.39 9.54
N ASP C 19 -15.24 3.35 9.95
CA ASP C 19 -14.19 3.91 9.10
C ASP C 19 -13.06 2.90 8.91
N VAL C 20 -12.70 2.18 9.98
CA VAL C 20 -11.77 1.06 9.87
C VAL C 20 -12.24 0.10 8.76
N TYR C 21 -13.47 -0.40 8.88
CA TYR C 21 -14.08 -1.31 7.91
C TYR C 21 -14.05 -0.75 6.51
N GLN C 22 -14.64 0.44 6.33
CA GLN C 22 -14.68 1.08 5.02
C GLN C 22 -13.28 1.21 4.43
N ARG C 23 -12.33 1.71 5.22
CA ARG C 23 -10.99 1.97 4.71
C ARG C 23 -10.22 0.69 4.35
N SER C 24 -10.47 -0.40 5.06
CA SER C 24 -9.80 -1.69 4.77
C SER C 24 -10.59 -2.63 3.86
N TYR C 25 -11.78 -2.22 3.41
CA TYR C 25 -12.60 -3.05 2.53
C TYR C 25 -11.98 -3.15 1.15
N CYS C 26 -12.03 -4.36 0.59
CA CYS C 26 -11.52 -4.65 -0.74
C CYS C 26 -11.63 -3.46 -1.70
N HIS C 27 -10.47 -2.95 -2.16
CA HIS C 27 -10.44 -1.86 -3.13
C HIS C 27 -9.06 -1.73 -3.82
N PRO C 28 -8.99 -0.92 -4.90
CA PRO C 28 -7.67 -0.65 -5.49
C PRO C 28 -6.84 0.25 -4.58
N ILE C 29 -5.64 -0.21 -4.23
CA ILE C 29 -4.76 0.57 -3.34
C ILE C 29 -3.36 0.68 -3.91
N GLU C 30 -2.72 1.84 -3.75
CA GLU C 30 -1.35 1.99 -4.23
C GLU C 30 -0.45 1.02 -3.49
N THR C 31 0.27 0.24 -4.30
CA THR C 31 1.04 -0.87 -3.83
C THR C 31 2.38 -0.82 -4.53
N LEU C 32 3.44 -1.19 -3.81
CA LEU C 32 4.79 -1.11 -4.34
C LEU C 32 5.25 -2.51 -4.72
N VAL C 33 5.48 -2.71 -6.01
CA VAL C 33 5.69 -4.03 -6.59
C VAL C 33 7.10 -4.11 -7.17
N ASP C 34 7.83 -5.17 -6.81
CA ASP C 34 9.14 -5.42 -7.43
C ASP C 34 8.98 -5.72 -8.90
N ILE C 35 9.86 -5.15 -9.71
CA ILE C 35 9.81 -5.34 -11.15
C ILE C 35 10.17 -6.78 -11.54
N PHE C 36 11.05 -7.43 -10.78
CA PHE C 36 11.44 -8.80 -11.07
C PHE C 36 10.29 -9.82 -10.92
N GLN C 37 9.28 -9.49 -10.13
CA GLN C 37 8.04 -10.30 -10.07
C GLN C 37 7.28 -10.21 -11.37
N GLU C 38 7.07 -8.99 -11.85
CA GLU C 38 6.31 -8.75 -13.07
C GLU C 38 7.07 -9.11 -14.36
N TYR C 39 8.37 -9.40 -14.25
CA TYR C 39 9.20 -9.77 -15.40
C TYR C 39 10.30 -10.74 -14.94
N PRO C 40 9.94 -12.00 -14.61
CA PRO C 40 10.96 -12.91 -14.10
C PRO C 40 11.80 -13.59 -15.18
N ASP C 41 11.46 -13.34 -16.45
CA ASP C 41 12.17 -13.95 -17.59
C ASP C 41 13.50 -13.26 -17.91
N GLU C 42 13.61 -11.98 -17.60
CA GLU C 42 14.83 -11.21 -17.95
C GLU C 42 15.72 -10.93 -16.74
N ILE C 43 16.70 -11.81 -16.53
CA ILE C 43 17.66 -11.69 -15.44
C ILE C 43 18.91 -10.93 -15.89
N GLU C 44 19.04 -10.72 -17.21
CA GLU C 44 20.18 -10.00 -17.79
C GLU C 44 20.37 -8.60 -17.23
N TYR C 45 19.25 -7.88 -17.07
CA TYR C 45 19.26 -6.49 -16.57
C TYR C 45 18.96 -6.36 -15.08
N ILE C 46 19.56 -5.35 -14.45
CA ILE C 46 19.16 -4.86 -13.15
C ILE C 46 18.26 -3.66 -13.41
N PHE C 47 17.21 -3.50 -12.61
CA PHE C 47 16.26 -2.42 -12.81
C PHE C 47 16.41 -1.34 -11.76
N LYS C 48 16.10 -0.11 -12.16
CA LYS C 48 16.21 1.00 -11.27
C LYS C 48 15.21 2.08 -11.66
N PRO C 49 14.27 2.38 -10.76
CA PRO C 49 14.20 1.78 -9.43
C PRO C 49 13.83 0.30 -9.50
N SER C 50 14.03 -0.42 -8.41
CA SER C 50 13.79 -1.88 -8.40
C SER C 50 12.32 -2.24 -8.16
N CYS C 51 11.49 -1.24 -7.89
CA CYS C 51 10.11 -1.44 -7.51
C CYS C 51 9.29 -0.23 -7.97
N VAL C 52 8.04 -0.46 -8.33
CA VAL C 52 7.19 0.60 -8.87
C VAL C 52 5.86 0.66 -8.13
N PRO C 53 5.19 1.84 -8.13
CA PRO C 53 3.91 2.03 -7.46
C PRO C 53 2.71 1.77 -8.39
N LEU C 54 1.95 0.73 -8.10
CA LEU C 54 0.84 0.32 -8.96
C LEU C 54 -0.42 0.18 -8.15
N MET C 55 -1.54 0.56 -8.76
CA MET C 55 -2.85 0.32 -8.15
C MET C 55 -3.15 -1.15 -8.28
N ARG C 56 -3.32 -1.81 -7.15
CA ARG C 56 -3.62 -3.24 -7.11
C ARG C 56 -4.64 -3.51 -6.02
N CYS C 57 -5.28 -4.66 -6.10
CA CYS C 57 -6.43 -4.95 -5.25
C CYS C 57 -5.88 -5.29 -3.90
N GLY C 58 -6.46 -4.68 -2.88
CA GLY C 58 -6.09 -4.95 -1.52
C GLY C 58 -7.30 -4.82 -0.63
N GLY C 59 -7.27 -5.55 0.47
CA GLY C 59 -8.26 -5.40 1.50
C GLY C 59 -8.84 -6.72 1.86
N CYS C 60 -9.85 -6.67 2.71
CA CYS C 60 -10.49 -7.84 3.24
C CYS C 60 -11.96 -7.79 2.81
N CYS C 61 -12.59 -8.96 2.72
CA CYS C 61 -14.03 -9.04 2.44
C CYS C 61 -14.84 -9.40 3.67
N ASN C 62 -14.16 -9.92 4.69
CA ASN C 62 -14.75 -10.22 5.98
C ASN C 62 -15.73 -11.37 5.90
N ASP C 63 -15.55 -12.20 4.88
CA ASP C 63 -16.32 -13.43 4.66
C ASP C 63 -15.32 -14.53 4.27
N GLU C 64 -15.29 -15.61 5.04
CA GLU C 64 -14.32 -16.69 4.81
C GLU C 64 -14.37 -17.27 3.39
N GLY C 65 -15.56 -17.28 2.79
CA GLY C 65 -15.74 -17.81 1.44
C GLY C 65 -15.64 -16.83 0.30
N LEU C 66 -15.27 -15.57 0.58
CA LEU C 66 -15.06 -14.56 -0.47
C LEU C 66 -13.61 -14.09 -0.51
N GLU C 67 -13.27 -13.38 -1.58
CA GLU C 67 -11.90 -12.93 -1.80
C GLU C 67 -11.89 -11.72 -2.73
N CYS C 68 -10.94 -10.82 -2.50
CA CYS C 68 -10.87 -9.59 -3.27
C CYS C 68 -10.15 -9.87 -4.58
N VAL C 69 -10.75 -9.47 -5.71
CA VAL C 69 -10.21 -9.75 -7.05
C VAL C 69 -10.50 -8.60 -8.03
N PRO C 70 -9.62 -8.40 -9.03
CA PRO C 70 -9.83 -7.30 -9.97
C PRO C 70 -10.90 -7.61 -11.00
N THR C 71 -11.68 -6.61 -11.36
CA THR C 71 -12.73 -6.74 -12.36
C THR C 71 -12.62 -5.72 -13.49
N GLU C 72 -11.60 -4.88 -13.44
CA GLU C 72 -11.30 -3.98 -14.54
C GLU C 72 -9.79 -3.68 -14.50
N GLU C 73 -9.11 -3.93 -15.60
CA GLU C 73 -7.65 -3.78 -15.68
C GLU C 73 -7.26 -2.77 -16.73
N SER C 74 -6.01 -2.31 -16.65
CA SER C 74 -5.40 -1.53 -17.72
C SER C 74 -3.88 -1.53 -17.55
N ASN C 75 -3.20 -1.06 -18.59
CA ASN C 75 -1.75 -1.01 -18.61
C ASN C 75 -1.30 0.41 -18.35
N ILE C 76 -0.26 0.57 -17.53
CA ILE C 76 0.44 1.85 -17.36
C ILE C 76 1.93 1.71 -17.73
N THR C 77 2.51 2.80 -18.23
CA THR C 77 3.86 2.78 -18.79
C THR C 77 4.77 3.73 -18.03
N MET C 78 5.92 3.20 -17.60
CA MET C 78 6.86 3.96 -16.79
C MET C 78 8.28 3.92 -17.35
N GLN C 79 9.02 5.01 -17.16
CA GLN C 79 10.44 5.06 -17.52
C GLN C 79 11.25 4.40 -16.43
N ILE C 80 11.98 3.35 -16.79
CA ILE C 80 12.81 2.59 -15.87
C ILE C 80 14.23 2.52 -16.43
N MET C 81 15.21 2.61 -15.55
CA MET C 81 16.60 2.45 -15.97
C MET C 81 16.93 0.99 -16.00
N ARG C 82 17.40 0.53 -17.16
CA ARG C 82 17.82 -0.86 -17.37
C ARG C 82 19.34 -0.92 -17.36
N ILE C 83 19.89 -1.71 -16.43
CA ILE C 83 21.32 -1.67 -16.12
C ILE C 83 21.96 -3.02 -16.43
N LYS C 84 22.75 -3.05 -17.50
CA LYS C 84 23.63 -4.18 -17.77
C LYS C 84 24.81 -4.00 -16.82
N PRO C 85 25.06 -4.99 -15.94
CA PRO C 85 25.99 -4.86 -14.83
C PRO C 85 27.14 -3.87 -15.06
N HIS C 86 27.98 -4.13 -16.07
CA HIS C 86 29.20 -3.32 -16.29
C HIS C 86 29.25 -2.53 -17.60
N GLN C 87 28.63 -3.05 -18.65
CA GLN C 87 28.66 -2.42 -19.98
C GLN C 87 28.05 -1.01 -19.97
N GLY C 88 26.80 -0.90 -19.55
CA GLY C 88 26.15 0.42 -19.48
C GLY C 88 24.69 0.37 -19.04
N GLN C 89 24.02 1.51 -19.21
CA GLN C 89 22.63 1.67 -18.78
C GLN C 89 21.82 2.59 -19.72
N HIS C 90 20.51 2.43 -19.72
CA HIS C 90 19.62 3.28 -20.51
C HIS C 90 18.21 3.29 -19.92
N ILE C 91 17.54 4.44 -20.05
CA ILE C 91 16.16 4.59 -19.60
C ILE C 91 15.20 4.32 -20.76
N GLY C 92 14.51 3.18 -20.69
CA GLY C 92 13.44 2.86 -21.64
C GLY C 92 12.09 2.77 -20.96
N GLU C 93 11.04 2.57 -21.76
CA GLU C 93 9.69 2.45 -21.26
C GLU C 93 9.34 0.99 -20.96
N MET C 94 8.66 0.76 -19.84
CA MET C 94 8.16 -0.56 -19.48
C MET C 94 6.71 -0.41 -19.06
N SER C 95 5.87 -1.38 -19.43
CA SER C 95 4.46 -1.32 -19.09
C SER C 95 4.12 -2.31 -17.98
N PHE C 96 3.21 -1.87 -17.12
CA PHE C 96 2.83 -2.63 -15.95
C PHE C 96 1.33 -2.70 -15.85
N LEU C 97 0.85 -3.83 -15.34
CA LEU C 97 -0.57 -4.04 -15.07
C LEU C 97 -1.04 -3.31 -13.81
N GLN C 98 -2.09 -2.51 -13.94
CA GLN C 98 -2.79 -2.06 -12.74
C GLN C 98 -4.28 -2.42 -12.72
N HIS C 99 -4.87 -2.30 -11.53
CA HIS C 99 -6.26 -2.65 -11.27
C HIS C 99 -7.11 -1.40 -11.08
N ASN C 100 -8.17 -1.30 -11.89
CA ASN C 100 -9.05 -0.13 -11.90
C ASN C 100 -10.27 -0.30 -10.98
N LYS C 101 -10.80 -1.52 -10.90
CA LYS C 101 -11.93 -1.82 -10.00
C LYS C 101 -11.77 -3.20 -9.40
N CYS C 102 -12.16 -3.33 -8.13
CA CYS C 102 -12.00 -4.58 -7.38
C CYS C 102 -13.35 -4.99 -6.79
N GLU C 103 -13.52 -6.28 -6.56
CA GLU C 103 -14.78 -6.80 -6.03
C GLU C 103 -14.53 -8.02 -5.18
N CYS C 104 -15.38 -8.19 -4.17
CA CYS C 104 -15.41 -9.41 -3.41
C CYS C 104 -16.24 -10.42 -4.21
N ARG C 105 -15.59 -11.51 -4.63
CA ARG C 105 -16.27 -12.57 -5.37
C ARG C 105 -16.00 -13.89 -4.69
N PRO C 106 -16.89 -14.88 -4.90
CA PRO C 106 -16.73 -16.16 -4.19
C PRO C 106 -15.54 -16.93 -4.69
N LYS C 107 -14.96 -17.76 -3.83
CA LYS C 107 -13.72 -18.47 -4.13
C LYS C 107 -13.87 -19.56 -5.19
N LYS C 108 -15.01 -20.25 -5.19
CA LYS C 108 -15.27 -21.32 -6.17
C LYS C 108 -16.75 -21.70 -6.16
N GLU D 13 -0.36 9.40 -19.56
CA GLU D 13 0.75 9.54 -20.54
C GLU D 13 1.86 8.49 -20.26
N VAL D 14 2.94 8.90 -19.57
CA VAL D 14 4.08 8.03 -19.26
C VAL D 14 4.77 8.60 -18.02
N VAL D 15 4.97 7.77 -17.00
CA VAL D 15 5.53 8.25 -15.74
C VAL D 15 7.03 8.47 -15.93
N LYS D 16 7.48 9.72 -15.81
CA LYS D 16 8.88 10.07 -15.96
C LYS D 16 9.74 9.36 -14.91
N PHE D 17 10.96 8.99 -15.30
CA PHE D 17 11.90 8.22 -14.48
C PHE D 17 12.14 8.78 -13.08
N MET D 18 12.35 10.08 -13.00
CA MET D 18 12.59 10.75 -11.72
C MET D 18 11.42 10.56 -10.76
N ASP D 19 10.19 10.62 -11.28
CA ASP D 19 8.98 10.45 -10.46
C ASP D 19 8.78 8.99 -10.04
N VAL D 20 9.00 8.06 -10.95
CA VAL D 20 8.94 6.65 -10.56
C VAL D 20 9.87 6.40 -9.38
N TYR D 21 11.08 6.98 -9.44
CA TYR D 21 12.10 6.74 -8.42
C TYR D 21 11.67 7.26 -7.06
N GLN D 22 11.28 8.54 -7.03
CA GLN D 22 10.90 9.23 -5.80
C GLN D 22 9.69 8.61 -5.14
N ARG D 23 8.70 8.26 -5.94
CA ARG D 23 7.45 7.71 -5.41
C ARG D 23 7.62 6.29 -4.90
N SER D 24 8.58 5.57 -5.47
CA SER D 24 8.89 4.21 -5.00
C SER D 24 9.96 4.17 -3.90
N TYR D 25 10.83 5.18 -3.85
CA TYR D 25 11.91 5.19 -2.84
C TYR D 25 11.33 5.04 -1.47
N CYS D 26 12.04 4.31 -0.61
CA CYS D 26 11.55 4.04 0.72
C CYS D 26 10.88 5.18 1.47
N HIS D 27 9.71 4.87 2.04
CA HIS D 27 8.91 5.79 2.85
C HIS D 27 7.77 5.03 3.55
N PRO D 28 7.10 5.67 4.51
CA PRO D 28 5.93 5.03 5.14
C PRO D 28 4.70 5.11 4.25
N ILE D 29 4.08 3.96 3.97
CA ILE D 29 2.94 3.90 3.06
C ILE D 29 1.77 3.18 3.69
N GLU D 30 0.56 3.65 3.38
CA GLU D 30 -0.62 2.95 3.87
C GLU D 30 -0.62 1.54 3.31
N THR D 31 -0.73 0.59 4.21
CA THR D 31 -0.59 -0.81 3.94
C THR D 31 -1.75 -1.51 4.66
N LEU D 32 -2.30 -2.57 4.05
CA LEU D 32 -3.41 -3.28 4.68
C LEU D 32 -2.88 -4.52 5.39
N VAL D 33 -2.96 -4.53 6.71
CA VAL D 33 -2.35 -5.55 7.55
C VAL D 33 -3.40 -6.41 8.21
N ASP D 34 -3.17 -7.72 8.19
CA ASP D 34 -4.11 -8.67 8.76
C ASP D 34 -3.93 -8.68 10.27
N ILE D 35 -5.02 -8.58 11.02
CA ILE D 35 -4.94 -8.55 12.49
C ILE D 35 -4.42 -9.86 13.09
N PHE D 36 -4.80 -11.00 12.53
CA PHE D 36 -4.34 -12.30 13.06
C PHE D 36 -2.82 -12.44 13.00
N GLN D 37 -2.19 -11.73 12.06
CA GLN D 37 -0.73 -11.63 11.99
C GLN D 37 -0.17 -10.81 13.18
N GLU D 38 -0.80 -9.68 13.46
CA GLU D 38 -0.38 -8.81 14.56
C GLU D 38 -0.79 -9.33 15.95
N TYR D 39 -1.66 -10.33 15.99
CA TYR D 39 -2.07 -10.96 17.24
C TYR D 39 -2.30 -12.45 16.98
N PRO D 40 -1.22 -13.20 16.71
CA PRO D 40 -1.37 -14.62 16.36
C PRO D 40 -1.66 -15.54 17.57
N ASP D 41 -1.64 -14.98 18.77
CA ASP D 41 -1.92 -15.72 19.99
C ASP D 41 -3.42 -15.88 20.23
N GLU D 42 -4.20 -14.81 19.98
CA GLU D 42 -5.64 -14.82 20.26
C GLU D 42 -6.38 -15.90 19.48
N ILE D 43 -7.14 -16.73 20.20
CA ILE D 43 -7.66 -17.99 19.65
C ILE D 43 -9.20 -18.04 19.54
N GLU D 44 -9.91 -17.46 20.52
CA GLU D 44 -11.38 -17.52 20.58
C GLU D 44 -12.11 -16.54 19.64
N TYR D 45 -11.69 -15.29 19.62
CA TYR D 45 -12.35 -14.25 18.82
C TYR D 45 -12.03 -14.32 17.33
N ILE D 46 -12.96 -13.84 16.53
CA ILE D 46 -12.73 -13.55 15.11
C ILE D 46 -12.92 -12.05 14.93
N PHE D 47 -12.07 -11.43 14.10
CA PHE D 47 -12.07 -9.97 13.97
C PHE D 47 -12.76 -9.49 12.70
N LYS D 48 -13.54 -8.43 12.87
CA LYS D 48 -14.17 -7.73 11.77
C LYS D 48 -13.91 -6.24 12.00
N PRO D 49 -13.25 -5.56 11.07
CA PRO D 49 -12.68 -6.15 9.88
C PRO D 49 -11.59 -7.13 10.22
N SER D 50 -11.24 -8.00 9.26
CA SER D 50 -10.18 -8.98 9.45
C SER D 50 -8.80 -8.34 9.26
N CYS D 51 -8.81 -7.15 8.63
CA CYS D 51 -7.60 -6.42 8.29
C CYS D 51 -7.74 -4.90 8.52
N VAL D 52 -6.62 -4.23 8.78
CA VAL D 52 -6.62 -2.80 9.11
C VAL D 52 -5.62 -2.00 8.27
N PRO D 53 -5.87 -0.68 8.09
CA PRO D 53 -4.96 0.17 7.33
C PRO D 53 -3.90 0.85 8.22
N LEU D 54 -2.63 0.51 8.01
CA LEU D 54 -1.55 1.00 8.85
C LEU D 54 -0.42 1.57 8.02
N MET D 55 0.14 2.70 8.47
CA MET D 55 1.31 3.28 7.81
C MET D 55 2.49 2.40 8.13
N ARG D 56 3.15 1.88 7.10
CA ARG D 56 4.24 0.95 7.29
C ARG D 56 5.34 1.20 6.25
N CYS D 57 6.55 0.74 6.55
CA CYS D 57 7.69 1.02 5.72
C CYS D 57 7.56 0.15 4.49
N GLY D 58 7.67 0.78 3.33
CA GLY D 58 7.59 0.07 2.06
C GLY D 58 8.39 0.76 0.98
N GLY D 59 8.79 -0.02 -0.01
CA GLY D 59 9.49 0.51 -1.16
C GLY D 59 10.90 -0.04 -1.22
N CYS D 60 11.64 0.43 -2.22
CA CYS D 60 12.97 -0.05 -2.50
C CYS D 60 14.02 1.01 -2.17
N CYS D 61 15.18 0.54 -1.71
CA CYS D 61 16.35 1.37 -1.46
C CYS D 61 17.30 1.46 -2.66
N ASN D 62 17.06 0.61 -3.66
CA ASN D 62 17.87 0.59 -4.88
C ASN D 62 19.31 0.12 -4.67
N ASP D 63 19.58 -0.51 -3.53
CA ASP D 63 20.91 -1.04 -3.22
C ASP D 63 20.74 -2.41 -2.57
N GLU D 64 21.36 -3.44 -3.12
CA GLU D 64 21.21 -4.81 -2.59
C GLU D 64 21.67 -4.92 -1.15
N GLY D 65 22.69 -4.13 -0.79
CA GLY D 65 23.22 -4.10 0.57
C GLY D 65 22.42 -3.27 1.56
N LEU D 66 21.52 -2.42 1.07
CA LEU D 66 20.62 -1.64 1.94
C LEU D 66 19.23 -2.24 1.98
N GLU D 67 18.53 -2.04 3.09
CA GLU D 67 17.14 -2.46 3.21
C GLU D 67 16.35 -1.38 3.91
N CYS D 68 15.06 -1.33 3.63
CA CYS D 68 14.25 -0.30 4.26
C CYS D 68 13.66 -0.73 5.58
N VAL D 69 13.74 0.16 6.56
CA VAL D 69 13.38 -0.15 7.95
C VAL D 69 12.84 1.09 8.67
N PRO D 70 12.07 0.87 9.74
CA PRO D 70 11.54 1.97 10.52
C PRO D 70 12.53 2.51 11.55
N THR D 71 12.64 3.83 11.61
CA THR D 71 13.46 4.54 12.59
C THR D 71 12.61 5.29 13.61
N GLU D 72 11.34 5.54 13.30
CA GLU D 72 10.39 6.09 14.25
C GLU D 72 9.09 5.30 14.24
N GLU D 73 8.65 4.89 15.42
CA GLU D 73 7.43 4.11 15.57
C GLU D 73 6.43 4.85 16.47
N SER D 74 5.20 4.34 16.50
CA SER D 74 4.14 4.88 17.34
C SER D 74 3.03 3.84 17.47
N ASN D 75 1.95 4.21 18.12
CA ASN D 75 0.78 3.34 18.23
C ASN D 75 -0.46 4.11 17.83
N ILE D 76 -1.42 3.40 17.22
CA ILE D 76 -2.73 3.97 16.93
C ILE D 76 -3.80 3.01 17.45
N THR D 77 -4.93 3.59 17.87
CA THR D 77 -6.04 2.80 18.38
C THR D 77 -7.25 2.80 17.44
N MET D 78 -7.80 1.60 17.25
CA MET D 78 -8.94 1.37 16.37
C MET D 78 -10.00 0.51 17.05
N GLN D 79 -11.27 0.80 16.73
CA GLN D 79 -12.38 -0.04 17.17
C GLN D 79 -12.52 -1.25 16.25
N ILE D 80 -12.38 -2.43 16.82
CA ILE D 80 -12.45 -3.69 16.10
C ILE D 80 -13.53 -4.54 16.73
N MET D 81 -14.44 -5.06 15.90
CA MET D 81 -15.48 -5.97 16.38
C MET D 81 -14.90 -7.33 16.68
N ARG D 82 -15.16 -7.80 17.89
CA ARG D 82 -14.63 -9.06 18.34
C ARG D 82 -15.83 -10.00 18.47
N ILE D 83 -15.80 -11.08 17.68
CA ILE D 83 -16.94 -11.95 17.52
C ILE D 83 -16.59 -13.34 18.04
N LYS D 84 -17.43 -13.87 18.92
CA LYS D 84 -17.43 -15.29 19.24
C LYS D 84 -18.49 -15.88 18.32
N PRO D 85 -18.09 -16.69 17.32
CA PRO D 85 -19.08 -17.11 16.33
C PRO D 85 -20.30 -17.76 16.97
N HIS D 86 -21.49 -17.45 16.45
CA HIS D 86 -22.77 -18.05 16.89
C HIS D 86 -23.19 -17.67 18.31
N GLN D 87 -22.48 -16.74 18.95
CA GLN D 87 -22.79 -16.35 20.33
C GLN D 87 -23.06 -14.86 20.47
N GLY D 88 -22.13 -14.05 19.96
CA GLY D 88 -22.30 -12.60 19.95
C GLY D 88 -21.03 -11.84 19.58
N GLN D 89 -21.05 -10.54 19.86
CA GLN D 89 -19.90 -9.71 19.61
C GLN D 89 -19.93 -8.42 20.42
N HIS D 90 -18.75 -7.83 20.58
CA HIS D 90 -18.63 -6.46 21.08
C HIS D 90 -17.56 -5.71 20.28
N ILE D 91 -17.70 -4.39 20.22
CA ILE D 91 -16.72 -3.51 19.60
C ILE D 91 -15.64 -3.16 20.61
N GLY D 92 -14.44 -3.72 20.42
CA GLY D 92 -13.32 -3.47 21.33
C GLY D 92 -12.24 -2.56 20.77
N GLU D 93 -11.68 -1.70 21.62
CA GLU D 93 -10.52 -0.86 21.26
C GLU D 93 -9.28 -1.73 21.15
N MET D 94 -8.53 -1.55 20.07
CA MET D 94 -7.31 -2.31 19.84
C MET D 94 -6.22 -1.40 19.30
N SER D 95 -5.00 -1.58 19.78
CA SER D 95 -3.90 -0.73 19.37
C SER D 95 -2.99 -1.45 18.40
N PHE D 96 -2.54 -0.73 17.38
CA PHE D 96 -1.63 -1.28 16.36
C PHE D 96 -0.41 -0.39 16.16
N LEU D 97 0.74 -1.04 15.91
CA LEU D 97 2.01 -0.38 15.62
C LEU D 97 2.02 0.37 14.27
N GLN D 98 2.50 1.60 14.26
CA GLN D 98 2.70 2.35 13.02
C GLN D 98 4.17 2.76 12.82
N HIS D 99 4.52 3.10 11.59
CA HIS D 99 5.85 3.58 11.24
C HIS D 99 5.74 5.04 10.77
N ASN D 100 6.42 5.94 11.49
CA ASN D 100 6.35 7.36 11.19
C ASN D 100 7.46 7.81 10.25
N LYS D 101 8.64 7.17 10.35
CA LYS D 101 9.80 7.48 9.48
C LYS D 101 10.54 6.20 9.07
N CYS D 102 11.00 6.18 7.82
CA CYS D 102 11.71 5.02 7.29
C CYS D 102 13.05 5.46 6.74
N GLU D 103 14.07 4.64 6.92
CA GLU D 103 15.40 4.95 6.39
C GLU D 103 16.03 3.70 5.82
N CYS D 104 16.89 3.89 4.83
CA CYS D 104 17.61 2.78 4.21
C CYS D 104 18.85 2.51 5.03
N ARG D 105 18.87 1.40 5.76
CA ARG D 105 19.99 1.04 6.61
C ARG D 105 20.67 -0.16 6.01
N PRO D 106 21.97 -0.31 6.27
CA PRO D 106 22.66 -1.49 5.75
C PRO D 106 22.19 -2.75 6.45
N LYS D 107 22.16 -3.85 5.69
CA LYS D 107 21.74 -5.15 6.19
C LYS D 107 22.71 -5.70 7.26
N LYS D 108 22.29 -6.78 7.93
CA LYS D 108 23.15 -7.47 8.90
C LYS D 108 23.93 -8.61 8.24
N ASP D 109 23.41 -9.12 7.13
CA ASP D 109 24.02 -10.22 6.38
C ASP D 109 25.44 -9.87 5.88
N ARG D 110 26.29 -10.89 5.78
CA ARG D 110 27.68 -10.73 5.32
C ARG D 110 27.73 -10.23 3.87
N HIS D 111 28.73 -9.41 3.56
CA HIS D 111 28.83 -8.73 2.27
C HIS D 111 29.09 -9.73 1.13
N HIS D 112 28.35 -9.60 0.03
CA HIS D 112 28.43 -10.52 -1.12
C HIS D 112 29.24 -9.91 -2.28
#